data_9B2G
#
_entry.id   9B2G
#
_cell.length_a   143.116
_cell.length_b   74.205
_cell.length_c   102.771
_cell.angle_alpha   90.00
_cell.angle_beta   133.12
_cell.angle_gamma   90.00
#
_symmetry.space_group_name_H-M   'C 1 2 1'
#
loop_
_entity.id
_entity.type
_entity.pdbx_description
1 polymer 'Dehydrogenase/reductase SDR family member 9'
2 non-polymer '1,4-DIHYDRONICOTINAMIDE ADENINE DINUCLEOTIDE'
3 water water
#
_entity_poly.entity_id   1
_entity_poly.type   'polypeptide(L)'
_entity_poly.pdbx_seq_one_letter_code
;MLFWLLALLFLCAFLWNYKGQLKIADIADKYVFITGCDTGFGNLAARTFDKKGFRVIAACLTESGSAALKAKTSERLHTV
LLDVTDPENVKKTAQWVKSHVGEKGLWGLINNAGVLGVLAPTDWLTVDDYREPIEVNLFGLINVTLNMLPLVKKARGRVI
NVSSIGGRLAFGGGGYTPSKYAVEGFNDSLRRDMKAFGVHVSCIEPGLFKTELADPIKTTEKKLAIWKHLSPDIKQQYGE
GYIEKSLHRLKSNTSSVNLDLSLVVGCMDHALTSLFPKTRYIAGKDAKTFWIPLSHMPAVLQDFLLLKQKVELANPKAV
;
_entity_poly.pdbx_strand_id   A,B
#
# COMPACT_ATOMS: atom_id res chain seq x y z
N GLN A 21 -19.85 -26.22 15.51
CA GLN A 21 -18.56 -25.47 15.51
C GLN A 21 -17.96 -25.47 16.92
N LEU A 22 -16.63 -25.36 17.02
CA LEU A 22 -15.87 -25.19 18.28
C LEU A 22 -15.46 -23.70 18.41
N LYS A 23 -16.07 -22.99 19.38
CA LYS A 23 -15.67 -21.63 19.82
C LYS A 23 -14.57 -21.75 20.89
N ILE A 24 -13.81 -20.67 21.15
CA ILE A 24 -12.93 -20.57 22.35
C ILE A 24 -13.81 -20.60 23.60
N ALA A 25 -13.19 -20.83 24.77
CA ALA A 25 -13.82 -20.73 26.11
C ALA A 25 -13.39 -19.42 26.81
N ASP A 26 -13.95 -19.17 27.99
CA ASP A 26 -13.60 -18.06 28.92
C ASP A 26 -13.58 -16.73 28.15
N ILE A 27 -14.60 -16.49 27.34
CA ILE A 27 -14.87 -15.19 26.66
C ILE A 27 -14.91 -14.09 27.73
N ALA A 28 -15.47 -14.36 28.91
CA ALA A 28 -15.64 -13.38 30.00
C ALA A 28 -14.28 -12.94 30.56
N ASP A 29 -13.24 -13.73 30.37
CA ASP A 29 -11.88 -13.44 30.93
C ASP A 29 -11.00 -12.78 29.88
N LYS A 30 -11.53 -12.50 28.69
CA LYS A 30 -10.73 -11.99 27.54
C LYS A 30 -11.09 -10.54 27.21
N TYR A 31 -10.07 -9.73 26.99
CA TYR A 31 -10.13 -8.31 26.57
C TYR A 31 -10.04 -8.20 25.05
N VAL A 32 -10.84 -7.30 24.48
CA VAL A 32 -10.81 -6.91 23.04
C VAL A 32 -10.64 -5.39 22.96
N PHE A 33 -9.56 -4.93 22.34
CA PHE A 33 -9.31 -3.51 22.01
C PHE A 33 -9.77 -3.21 20.58
N ILE A 34 -10.69 -2.27 20.42
CA ILE A 34 -11.27 -1.84 19.11
C ILE A 34 -10.97 -0.34 18.93
N THR A 35 -10.39 0.03 17.78
CA THR A 35 -10.17 1.44 17.36
C THR A 35 -11.37 1.93 16.54
N GLY A 36 -11.70 3.22 16.70
CA GLY A 36 -12.78 3.92 15.99
C GLY A 36 -14.17 3.37 16.31
N CYS A 37 -14.66 3.58 17.54
CA CYS A 37 -15.95 3.00 18.01
C CYS A 37 -17.04 4.08 18.11
N ASP A 38 -16.73 5.32 17.76
CA ASP A 38 -17.71 6.43 17.72
C ASP A 38 -18.89 6.03 16.84
N THR A 39 -18.62 5.51 15.63
CA THR A 39 -19.67 5.20 14.62
C THR A 39 -19.33 3.91 13.87
N GLY A 40 -20.21 3.48 12.98
CA GLY A 40 -19.95 2.42 11.97
C GLY A 40 -19.60 1.09 12.61
N PHE A 41 -18.82 0.29 11.90
CA PHE A 41 -18.47 -1.11 12.31
C PHE A 41 -17.96 -1.12 13.75
N GLY A 42 -17.03 -0.22 14.08
CA GLY A 42 -16.36 -0.23 15.39
C GLY A 42 -17.36 -0.08 16.53
N ASN A 43 -18.32 0.83 16.37
CA ASN A 43 -19.42 1.06 17.34
C ASN A 43 -20.28 -0.19 17.51
N LEU A 44 -20.73 -0.81 16.43
CA LEU A 44 -21.58 -2.02 16.51
C LEU A 44 -20.77 -3.17 17.13
N ALA A 45 -19.48 -3.26 16.81
CA ALA A 45 -18.56 -4.29 17.34
C ALA A 45 -18.42 -4.14 18.87
N ALA A 46 -18.09 -2.96 19.37
CA ALA A 46 -18.00 -2.64 20.81
C ALA A 46 -19.29 -3.11 21.50
N ARG A 47 -20.46 -2.72 20.98
CA ARG A 47 -21.78 -3.09 21.55
C ARG A 47 -22.00 -4.60 21.44
N THR A 48 -21.66 -5.25 20.31
CA THR A 48 -21.92 -6.70 20.09
C THR A 48 -21.05 -7.54 21.04
N PHE A 49 -19.78 -7.17 21.21
CA PHE A 49 -18.80 -7.96 22.03
C PHE A 49 -19.03 -7.67 23.52
N ASP A 50 -19.55 -6.49 23.85
CA ASP A 50 -20.01 -6.16 25.22
C ASP A 50 -21.18 -7.08 25.61
N LYS A 51 -22.21 -7.19 24.74
CA LYS A 51 -23.34 -8.13 24.93
C LYS A 51 -22.83 -9.57 25.05
N LYS A 52 -21.80 -9.94 24.30
CA LYS A 52 -21.29 -11.35 24.25
C LYS A 52 -20.55 -11.73 25.52
N GLY A 53 -20.00 -10.75 26.26
CA GLY A 53 -19.36 -10.94 27.58
C GLY A 53 -17.85 -10.78 27.53
N PHE A 54 -17.27 -10.43 26.39
CA PHE A 54 -15.89 -9.90 26.32
C PHE A 54 -15.80 -8.64 27.18
N ARG A 55 -14.60 -8.33 27.63
CA ARG A 55 -14.24 -7.05 28.27
C ARG A 55 -13.75 -6.11 27.16
N VAL A 56 -14.60 -5.23 26.65
CA VAL A 56 -14.24 -4.38 25.49
C VAL A 56 -13.50 -3.14 26.01
N ILE A 57 -12.39 -2.80 25.36
CA ILE A 57 -11.74 -1.47 25.46
C ILE A 57 -11.97 -0.78 24.12
N ALA A 58 -12.89 0.19 24.09
CA ALA A 58 -13.41 0.89 22.89
C ALA A 58 -12.70 2.23 22.79
N ALA A 59 -11.73 2.31 21.88
CA ALA A 59 -11.01 3.55 21.52
C ALA A 59 -11.95 4.38 20.64
N CYS A 60 -12.23 5.62 21.08
CA CYS A 60 -13.09 6.61 20.38
C CYS A 60 -12.23 7.84 20.10
N LEU A 61 -12.51 8.50 18.98
CA LEU A 61 -11.88 9.77 18.54
C LEU A 61 -12.44 10.95 19.35
N THR A 62 -13.72 10.93 19.75
CA THR A 62 -14.45 12.11 20.31
C THR A 62 -15.05 11.78 21.67
N GLU A 63 -15.18 12.80 22.52
CA GLU A 63 -15.76 12.68 23.87
C GLU A 63 -17.23 12.20 23.76
N SER A 64 -17.98 12.73 22.78
CA SER A 64 -19.44 12.43 22.63
C SER A 64 -19.61 11.02 22.06
N GLY A 65 -18.71 10.58 21.20
CA GLY A 65 -18.65 9.19 20.73
C GLY A 65 -18.55 8.21 21.90
N SER A 66 -17.64 8.48 22.84
CA SER A 66 -17.37 7.58 23.99
C SER A 66 -18.49 7.70 25.06
N ALA A 67 -19.03 8.90 25.30
CA ALA A 67 -20.15 9.11 26.25
C ALA A 67 -21.40 8.34 25.80
N ALA A 68 -21.74 8.39 24.52
CA ALA A 68 -22.90 7.69 23.93
C ALA A 68 -22.63 6.18 23.94
N LEU A 69 -21.40 5.75 23.67
CA LEU A 69 -21.05 4.30 23.74
C LEU A 69 -21.10 3.80 25.19
N LYS A 70 -20.53 4.50 26.17
CA LYS A 70 -20.57 4.11 27.62
C LYS A 70 -22.04 3.97 28.03
N ALA A 71 -22.85 4.97 27.70
CA ALA A 71 -24.27 5.07 28.09
C ALA A 71 -25.09 3.87 27.60
N LYS A 72 -24.63 3.17 26.55
CA LYS A 72 -25.42 2.09 25.90
C LYS A 72 -24.91 0.71 26.30
N THR A 73 -23.79 0.63 27.03
CA THR A 73 -23.05 -0.63 27.28
C THR A 73 -22.94 -0.89 28.78
N SER A 74 -22.60 -2.12 29.13
CA SER A 74 -22.41 -2.59 30.53
C SER A 74 -21.10 -2.04 31.11
N GLU A 75 -20.92 -2.25 32.42
CA GLU A 75 -19.73 -1.87 33.22
C GLU A 75 -18.52 -2.72 32.82
N ARG A 76 -18.69 -3.85 32.13
CA ARG A 76 -17.57 -4.63 31.57
C ARG A 76 -16.81 -3.80 30.52
N LEU A 77 -17.43 -2.78 29.89
CA LEU A 77 -16.80 -2.00 28.80
C LEU A 77 -16.10 -0.75 29.37
N HIS A 78 -14.88 -0.44 28.91
CA HIS A 78 -14.18 0.83 29.19
C HIS A 78 -13.99 1.54 27.85
N THR A 79 -13.99 2.87 27.83
CA THR A 79 -13.67 3.67 26.63
C THR A 79 -12.38 4.43 26.91
N VAL A 80 -11.60 4.71 25.87
CA VAL A 80 -10.37 5.55 25.93
C VAL A 80 -10.45 6.48 24.73
N LEU A 81 -10.00 7.73 24.87
CA LEU A 81 -9.87 8.69 23.73
C LEU A 81 -8.54 8.40 23.03
N LEU A 82 -8.62 7.95 21.78
CA LEU A 82 -7.46 7.63 20.94
C LEU A 82 -7.66 8.29 19.58
N ASP A 83 -6.70 9.14 19.19
CA ASP A 83 -6.38 9.50 17.78
C ASP A 83 -5.22 8.59 17.34
N VAL A 84 -5.46 7.63 16.42
CA VAL A 84 -4.44 6.61 16.00
C VAL A 84 -3.26 7.31 15.29
N THR A 85 -3.40 8.54 14.82
CA THR A 85 -2.29 9.27 14.15
C THR A 85 -1.42 10.03 15.17
N ASP A 86 -1.67 9.90 16.48
CA ASP A 86 -0.92 10.62 17.53
C ASP A 86 -0.08 9.60 18.29
N PRO A 87 1.24 9.51 18.02
CA PRO A 87 2.06 8.43 18.58
C PRO A 87 2.22 8.42 20.10
N GLU A 88 2.26 9.60 20.74
CA GLU A 88 2.22 9.76 22.21
C GLU A 88 0.91 9.18 22.77
N ASN A 89 -0.23 9.52 22.17
CA ASN A 89 -1.59 9.08 22.58
C ASN A 89 -1.66 7.55 22.46
N VAL A 90 -1.14 6.99 21.37
CA VAL A 90 -1.14 5.52 21.14
C VAL A 90 -0.27 4.86 22.23
N LYS A 91 0.88 5.45 22.55
CA LYS A 91 1.85 4.82 23.48
C LYS A 91 1.23 4.84 24.89
N LYS A 92 0.73 6.00 25.34
CA LYS A 92 -0.06 6.15 26.60
C LYS A 92 -1.20 5.13 26.67
N THR A 93 -2.05 5.05 25.64
CA THR A 93 -3.18 4.10 25.64
C THR A 93 -2.68 2.65 25.78
N ALA A 94 -1.61 2.28 25.09
CA ALA A 94 -0.98 0.94 25.19
C ALA A 94 -0.46 0.71 26.62
N GLN A 95 0.07 1.74 27.27
CA GLN A 95 0.53 1.66 28.69
C GLN A 95 -0.69 1.38 29.58
N TRP A 96 -1.76 2.15 29.41
CA TRP A 96 -3.03 1.97 30.15
C TRP A 96 -3.52 0.52 30.00
N VAL A 97 -3.59 0.02 28.75
CA VAL A 97 -4.09 -1.35 28.45
C VAL A 97 -3.18 -2.38 29.13
N LYS A 98 -1.87 -2.17 29.08
CA LYS A 98 -0.88 -3.14 29.62
C LYS A 98 -1.09 -3.31 31.13
N SER A 99 -1.25 -2.23 31.90
CA SER A 99 -1.58 -2.22 33.35
C SER A 99 -2.87 -3.01 33.61
N HIS A 100 -3.92 -2.70 32.86
CA HIS A 100 -5.31 -3.14 33.12
C HIS A 100 -5.49 -4.61 32.78
N VAL A 101 -4.86 -5.13 31.72
CA VAL A 101 -5.05 -6.55 31.32
C VAL A 101 -4.04 -7.43 32.09
N GLY A 102 -2.97 -6.84 32.62
CA GLY A 102 -1.88 -7.56 33.31
C GLY A 102 -1.49 -8.81 32.54
N GLU A 103 -1.51 -9.96 33.20
CA GLU A 103 -0.91 -11.23 32.69
C GLU A 103 -1.93 -11.99 31.84
N LYS A 104 -3.17 -11.52 31.73
CA LYS A 104 -4.11 -12.04 30.69
C LYS A 104 -3.59 -11.68 29.28
N GLY A 105 -2.82 -10.61 29.16
CA GLY A 105 -2.55 -10.01 27.85
C GLY A 105 -3.83 -9.52 27.17
N LEU A 106 -3.74 -9.26 25.87
CA LEU A 106 -4.83 -8.66 25.07
C LEU A 106 -5.26 -9.71 24.04
N TRP A 107 -6.39 -10.35 24.27
CA TRP A 107 -6.89 -11.45 23.41
C TRP A 107 -7.10 -10.96 21.97
N GLY A 108 -7.63 -9.75 21.77
CA GLY A 108 -8.10 -9.30 20.45
C GLY A 108 -7.75 -7.85 20.20
N LEU A 109 -7.12 -7.57 19.07
CA LEU A 109 -6.96 -6.18 18.55
C LEU A 109 -7.76 -6.10 17.25
N ILE A 110 -8.72 -5.19 17.18
CA ILE A 110 -9.46 -4.90 15.93
C ILE A 110 -9.06 -3.50 15.47
N ASN A 111 -8.21 -3.44 14.44
CA ASN A 111 -7.82 -2.18 13.75
C ASN A 111 -8.94 -1.84 12.78
N ASN A 112 -9.86 -0.97 13.23
CA ASN A 112 -11.10 -0.62 12.49
C ASN A 112 -11.04 0.85 12.05
N ALA A 113 -10.33 1.71 12.78
CA ALA A 113 -10.28 3.17 12.52
C ALA A 113 -9.81 3.37 11.09
N GLY A 114 -10.49 4.25 10.35
CA GLY A 114 -10.18 4.58 8.95
C GLY A 114 -10.94 5.80 8.49
N VAL A 115 -10.45 6.46 7.44
CA VAL A 115 -11.12 7.60 6.74
C VAL A 115 -10.98 7.36 5.24
N LEU A 116 -11.92 7.90 4.47
CA LEU A 116 -11.92 7.85 2.99
C LEU A 116 -10.82 8.74 2.43
N GLY A 117 -10.64 9.94 2.98
CA GLY A 117 -9.79 10.99 2.38
C GLY A 117 -10.46 11.58 1.13
N VAL A 118 -9.74 12.43 0.40
CA VAL A 118 -10.18 13.04 -0.89
C VAL A 118 -10.25 11.96 -1.96
N LEU A 119 -11.38 11.83 -2.63
CA LEU A 119 -11.57 10.89 -3.76
C LEU A 119 -11.89 11.71 -5.00
N ALA A 120 -11.03 11.67 -6.01
CA ALA A 120 -11.16 12.46 -7.26
C ALA A 120 -10.25 11.87 -8.33
N PRO A 121 -10.44 12.20 -9.63
CA PRO A 121 -9.47 11.80 -10.65
C PRO A 121 -8.05 12.21 -10.26
N THR A 122 -7.12 11.31 -10.49
CA THR A 122 -5.70 11.42 -10.09
C THR A 122 -5.14 12.78 -10.51
N ASP A 123 -5.44 13.23 -11.74
CA ASP A 123 -4.88 14.47 -12.35
C ASP A 123 -5.49 15.74 -11.73
N TRP A 124 -6.36 15.63 -10.72
CA TRP A 124 -6.90 16.79 -9.96
C TRP A 124 -6.10 17.01 -8.67
N LEU A 125 -5.31 16.02 -8.26
CA LEU A 125 -4.78 15.90 -6.87
C LEU A 125 -3.32 16.34 -6.78
N THR A 126 -2.89 16.69 -5.57
CA THR A 126 -1.47 16.87 -5.20
C THR A 126 -1.07 15.72 -4.29
N VAL A 127 0.23 15.49 -4.07
CA VAL A 127 0.69 14.36 -3.23
C VAL A 127 0.09 14.51 -1.83
N ASP A 128 -0.02 15.74 -1.31
CA ASP A 128 -0.57 16.05 0.05
C ASP A 128 -1.97 15.46 0.23
N ASP A 129 -2.79 15.46 -0.82
CA ASP A 129 -4.16 14.86 -0.79
C ASP A 129 -4.09 13.38 -0.40
N TYR A 130 -2.96 12.71 -0.65
CA TYR A 130 -2.80 11.24 -0.44
C TYR A 130 -2.47 10.95 1.04
N ARG A 131 -1.99 11.95 1.78
CA ARG A 131 -1.35 11.80 3.10
C ARG A 131 -2.35 11.35 4.16
N GLU A 132 -3.52 11.98 4.26
CA GLU A 132 -4.45 11.76 5.40
C GLU A 132 -4.89 10.30 5.47
N PRO A 133 -5.47 9.70 4.40
CA PRO A 133 -5.95 8.32 4.48
C PRO A 133 -4.82 7.32 4.79
N ILE A 134 -3.64 7.52 4.20
CA ILE A 134 -2.44 6.68 4.50
C ILE A 134 -2.04 6.87 5.96
N GLU A 135 -2.12 8.09 6.51
CA GLU A 135 -1.69 8.35 7.90
C GLU A 135 -2.63 7.63 8.89
N VAL A 136 -3.94 7.64 8.65
CA VAL A 136 -4.92 6.95 9.54
C VAL A 136 -4.91 5.46 9.23
N ASN A 137 -5.20 5.08 7.99
CA ASN A 137 -5.52 3.69 7.60
C ASN A 137 -4.28 2.78 7.66
N LEU A 138 -3.07 3.30 7.39
CA LEU A 138 -1.83 2.48 7.37
C LEU A 138 -0.96 2.79 8.58
N PHE A 139 -0.44 4.01 8.71
CA PHE A 139 0.52 4.34 9.78
C PHE A 139 -0.15 4.16 11.14
N GLY A 140 -1.38 4.68 11.32
CA GLY A 140 -2.16 4.55 12.56
C GLY A 140 -2.41 3.09 12.92
N LEU A 141 -2.87 2.30 11.95
CA LEU A 141 -3.08 0.83 12.13
C LEU A 141 -1.76 0.15 12.52
N ILE A 142 -0.66 0.46 11.84
CA ILE A 142 0.67 -0.13 12.15
C ILE A 142 1.09 0.26 13.56
N ASN A 143 1.03 1.54 13.90
CA ASN A 143 1.56 2.01 15.22
C ASN A 143 0.74 1.37 16.36
N VAL A 144 -0.59 1.39 16.25
CA VAL A 144 -1.47 0.71 17.24
C VAL A 144 -1.08 -0.77 17.29
N THR A 145 -0.90 -1.43 16.14
CA THR A 145 -0.52 -2.86 16.12
C THR A 145 0.81 -3.04 16.85
N LEU A 146 1.82 -2.26 16.51
CA LEU A 146 3.18 -2.45 17.12
C LEU A 146 3.14 -2.23 18.64
N ASN A 147 2.31 -1.29 19.12
CA ASN A 147 2.23 -0.93 20.55
C ASN A 147 1.44 -1.99 21.33
N MET A 148 0.47 -2.69 20.72
CA MET A 148 -0.37 -3.70 21.40
C MET A 148 0.21 -5.11 21.21
N LEU A 149 1.09 -5.30 20.24
CA LEU A 149 1.57 -6.64 19.83
C LEU A 149 2.15 -7.45 21.01
N PRO A 150 2.98 -6.87 21.92
CA PRO A 150 3.51 -7.64 23.06
C PRO A 150 2.36 -8.21 23.94
N LEU A 151 1.26 -7.45 24.04
CA LEU A 151 0.08 -7.87 24.82
C LEU A 151 -0.68 -8.97 24.06
N VAL A 152 -0.74 -8.92 22.74
CA VAL A 152 -1.50 -9.95 21.95
C VAL A 152 -0.71 -11.26 21.96
N LYS A 153 0.62 -11.18 21.80
CA LYS A 153 1.55 -12.33 21.97
C LYS A 153 1.33 -12.97 23.33
N LYS A 154 1.32 -12.17 24.40
CA LYS A 154 1.12 -12.67 25.77
C LYS A 154 -0.15 -13.52 25.85
N ALA A 155 -1.24 -13.13 25.17
CA ALA A 155 -2.54 -13.84 25.24
C ALA A 155 -2.60 -14.95 24.18
N ARG A 156 -1.63 -15.02 23.25
CA ARG A 156 -1.66 -15.94 22.09
C ARG A 156 -2.94 -15.62 21.29
N GLY A 157 -3.22 -14.33 21.13
CA GLY A 157 -4.52 -13.82 20.68
C GLY A 157 -4.58 -13.54 19.19
N ARG A 158 -5.42 -12.57 18.81
CA ARG A 158 -5.97 -12.35 17.46
C ARG A 158 -5.74 -10.90 17.07
N VAL A 159 -5.09 -10.64 15.93
CA VAL A 159 -5.10 -9.29 15.29
C VAL A 159 -6.06 -9.35 14.09
N ILE A 160 -7.05 -8.45 14.07
CA ILE A 160 -8.09 -8.35 13.01
C ILE A 160 -7.94 -6.98 12.34
N ASN A 161 -7.50 -6.98 11.09
CA ASN A 161 -7.30 -5.75 10.28
C ASN A 161 -8.51 -5.59 9.35
N VAL A 162 -9.14 -4.42 9.39
CA VAL A 162 -10.26 -4.07 8.49
C VAL A 162 -9.66 -3.44 7.23
N SER A 163 -9.70 -4.16 6.11
CA SER A 163 -9.18 -3.67 4.82
C SER A 163 -10.37 -3.05 4.06
N SER A 164 -10.70 -3.59 2.88
CA SER A 164 -11.61 -2.99 1.88
C SER A 164 -11.47 -3.79 0.58
N ILE A 165 -12.54 -3.89 -0.19
CA ILE A 165 -12.44 -4.31 -1.61
C ILE A 165 -11.49 -3.34 -2.30
N GLY A 166 -11.37 -2.11 -1.77
CA GLY A 166 -10.44 -1.06 -2.21
C GLY A 166 -8.98 -1.42 -1.98
N GLY A 167 -8.70 -2.50 -1.24
CA GLY A 167 -7.35 -3.03 -1.01
C GLY A 167 -7.03 -4.22 -1.91
N ARG A 168 -8.00 -4.64 -2.74
CA ARG A 168 -7.84 -5.75 -3.72
C ARG A 168 -8.15 -5.25 -5.14
N LEU A 169 -8.87 -4.14 -5.26
CA LEU A 169 -9.36 -3.56 -6.53
C LEU A 169 -9.35 -2.05 -6.35
N ALA A 170 -8.64 -1.32 -7.19
CA ALA A 170 -8.37 0.12 -7.01
C ALA A 170 -9.66 0.93 -7.25
N PHE A 171 -9.97 1.84 -6.34
CA PHE A 171 -11.03 2.86 -6.49
C PHE A 171 -10.42 3.95 -7.38
N GLY A 172 -11.14 5.04 -7.62
CA GLY A 172 -10.61 6.22 -8.30
C GLY A 172 -9.44 6.84 -7.56
N GLY A 173 -8.99 8.00 -8.01
CA GLY A 173 -7.78 8.67 -7.50
C GLY A 173 -7.93 9.00 -6.02
N GLY A 174 -6.80 9.06 -5.33
CA GLY A 174 -6.69 9.44 -3.91
C GLY A 174 -5.98 8.37 -3.13
N GLY A 175 -5.66 8.64 -1.88
CA GLY A 175 -4.85 7.75 -1.03
C GLY A 175 -5.61 6.57 -0.43
N TYR A 176 -6.92 6.52 -0.56
CA TYR A 176 -7.70 5.45 0.12
C TYR A 176 -7.22 4.10 -0.41
N THR A 177 -7.25 3.89 -1.72
CA THR A 177 -6.89 2.56 -2.31
C THR A 177 -5.42 2.24 -1.98
N PRO A 178 -4.43 3.14 -2.19
CA PRO A 178 -3.05 2.87 -1.77
C PRO A 178 -2.92 2.43 -0.31
N SER A 179 -3.57 3.16 0.60
CA SER A 179 -3.59 2.87 2.07
C SER A 179 -4.14 1.45 2.29
N LYS A 180 -5.18 1.06 1.57
CA LYS A 180 -5.84 -0.24 1.83
C LYS A 180 -5.01 -1.38 1.23
N TYR A 181 -4.43 -1.21 0.03
CA TYR A 181 -3.45 -2.14 -0.57
C TYR A 181 -2.29 -2.35 0.41
N ALA A 182 -1.77 -1.27 0.98
CA ALA A 182 -0.64 -1.28 1.94
C ALA A 182 -1.02 -2.12 3.17
N VAL A 183 -2.22 -1.91 3.72
CA VAL A 183 -2.77 -2.67 4.89
C VAL A 183 -2.74 -4.15 4.54
N GLU A 184 -3.19 -4.51 3.34
CA GLU A 184 -3.20 -5.93 2.89
C GLU A 184 -1.76 -6.48 2.98
N GLY A 185 -0.76 -5.70 2.54
CA GLY A 185 0.66 -6.11 2.56
C GLY A 185 1.19 -6.25 3.97
N PHE A 186 0.97 -5.24 4.81
CA PHE A 186 1.38 -5.27 6.23
C PHE A 186 0.70 -6.45 6.95
N ASN A 187 -0.59 -6.63 6.73
CA ASN A 187 -1.37 -7.75 7.31
C ASN A 187 -0.65 -9.09 7.03
N ASP A 188 -0.14 -9.31 5.83
CA ASP A 188 0.49 -10.62 5.48
C ASP A 188 1.88 -10.74 6.14
N SER A 189 2.67 -9.67 6.16
CA SER A 189 3.99 -9.63 6.86
C SER A 189 3.78 -10.00 8.34
N LEU A 190 2.73 -9.42 8.95
CA LEU A 190 2.38 -9.64 10.38
C LEU A 190 1.94 -11.10 10.56
N ARG A 191 1.05 -11.61 9.71
CA ARG A 191 0.58 -13.00 9.85
C ARG A 191 1.79 -13.93 9.85
N ARG A 192 2.71 -13.73 8.93
CA ARG A 192 3.85 -14.68 8.81
C ARG A 192 4.81 -14.52 9.98
N ASP A 193 5.06 -13.31 10.46
CA ASP A 193 5.95 -13.02 11.62
C ASP A 193 5.34 -13.57 12.91
N MET A 194 4.00 -13.66 13.00
CA MET A 194 3.30 -14.00 14.27
C MET A 194 2.93 -15.49 14.37
N LYS A 195 2.99 -16.23 13.26
CA LYS A 195 2.65 -17.68 13.26
C LYS A 195 3.46 -18.38 14.37
N ALA A 196 4.74 -18.00 14.56
CA ALA A 196 5.66 -18.61 15.53
C ALA A 196 5.17 -18.35 16.97
N PHE A 197 4.41 -17.30 17.25
CA PHE A 197 3.90 -17.00 18.61
C PHE A 197 2.47 -17.49 18.83
N GLY A 198 1.88 -18.23 17.87
CA GLY A 198 0.51 -18.74 17.97
C GLY A 198 -0.54 -17.63 17.83
N VAL A 199 -0.11 -16.44 17.45
CA VAL A 199 -1.00 -15.27 17.24
C VAL A 199 -1.59 -15.42 15.84
N HIS A 200 -2.92 -15.39 15.68
CA HIS A 200 -3.61 -15.46 14.36
C HIS A 200 -3.88 -14.04 13.88
N VAL A 201 -3.79 -13.82 12.58
CA VAL A 201 -4.03 -12.48 11.95
C VAL A 201 -5.09 -12.66 10.88
N SER A 202 -6.19 -11.91 11.01
CA SER A 202 -7.36 -11.98 10.12
C SER A 202 -7.54 -10.63 9.43
N CYS A 203 -7.79 -10.68 8.13
CA CYS A 203 -8.07 -9.49 7.30
C CYS A 203 -9.55 -9.52 6.90
N ILE A 204 -10.30 -8.48 7.23
CA ILE A 204 -11.73 -8.34 6.81
C ILE A 204 -11.84 -7.36 5.63
N GLU A 205 -12.45 -7.81 4.52
CA GLU A 205 -12.70 -7.00 3.29
C GLU A 205 -14.19 -6.78 3.11
N PRO A 206 -14.74 -5.68 3.66
CA PRO A 206 -16.13 -5.31 3.44
C PRO A 206 -16.36 -4.76 2.02
N GLY A 207 -17.52 -5.09 1.45
CA GLY A 207 -18.13 -4.33 0.34
C GLY A 207 -18.51 -2.93 0.78
N LEU A 208 -19.46 -2.29 0.07
CA LEU A 208 -19.93 -0.91 0.38
C LEU A 208 -21.07 -1.01 1.40
N PHE A 209 -20.93 -0.31 2.52
CA PHE A 209 -21.87 -0.30 3.67
C PHE A 209 -22.17 1.15 4.07
N LYS A 210 -23.44 1.43 4.37
CA LYS A 210 -23.90 2.75 4.87
C LYS A 210 -23.33 2.96 6.28
N THR A 211 -22.20 3.66 6.37
CA THR A 211 -21.58 4.14 7.63
C THR A 211 -21.33 5.65 7.44
N GLU A 212 -20.48 6.27 8.24
CA GLU A 212 -20.12 7.71 8.07
C GLU A 212 -18.88 7.85 7.20
N LEU A 213 -18.33 6.76 6.68
CA LEU A 213 -17.05 6.79 5.93
C LEU A 213 -17.24 7.58 4.63
N ALA A 214 -18.23 7.15 3.83
CA ALA A 214 -18.43 7.48 2.41
C ALA A 214 -19.81 8.13 2.24
N ASP A 215 -19.80 9.43 2.11
CA ASP A 215 -21.01 10.26 2.07
C ASP A 215 -21.04 10.98 0.72
N PRO A 216 -21.86 10.52 -0.25
CA PRO A 216 -21.87 11.10 -1.59
C PRO A 216 -21.81 12.64 -1.60
N ILE A 217 -22.51 13.29 -0.66
CA ILE A 217 -22.58 14.78 -0.57
C ILE A 217 -21.24 15.31 -0.05
N LYS A 218 -20.67 14.70 0.98
CA LYS A 218 -19.35 15.10 1.55
C LYS A 218 -18.27 14.95 0.47
N THR A 219 -18.36 13.87 -0.33
CA THR A 219 -17.39 13.48 -1.38
C THR A 219 -17.45 14.51 -2.51
N THR A 220 -18.67 14.86 -2.94
CA THR A 220 -18.94 15.88 -3.99
C THR A 220 -18.52 17.27 -3.50
N GLU A 221 -18.59 17.53 -2.19
CA GLU A 221 -18.30 18.87 -1.62
C GLU A 221 -16.79 19.06 -1.62
N LYS A 222 -16.00 17.99 -1.46
CA LYS A 222 -14.51 18.03 -1.51
C LYS A 222 -14.04 18.22 -2.96
N LYS A 223 -14.62 17.47 -3.91
CA LYS A 223 -14.37 17.60 -5.36
C LYS A 223 -14.60 19.04 -5.81
N LEU A 224 -15.63 19.69 -5.27
CA LEU A 224 -15.98 21.09 -5.63
C LEU A 224 -14.92 22.06 -5.08
N ALA A 225 -14.44 21.87 -3.86
CA ALA A 225 -13.39 22.71 -3.24
C ALA A 225 -12.10 22.61 -4.06
N ILE A 226 -11.74 21.40 -4.49
CA ILE A 226 -10.58 21.16 -5.38
C ILE A 226 -10.82 21.87 -6.72
N TRP A 227 -12.01 21.70 -7.32
CA TRP A 227 -12.37 22.32 -8.62
C TRP A 227 -12.10 23.82 -8.59
N LYS A 228 -12.46 24.49 -7.49
CA LYS A 228 -12.35 25.96 -7.31
C LYS A 228 -10.92 26.45 -7.58
N HIS A 229 -9.89 25.62 -7.35
CA HIS A 229 -8.46 26.02 -7.43
C HIS A 229 -7.73 25.18 -8.49
N LEU A 230 -8.47 24.43 -9.31
CA LEU A 230 -7.95 23.53 -10.38
C LEU A 230 -7.50 24.40 -11.57
N SER A 231 -6.46 23.99 -12.29
CA SER A 231 -5.89 24.79 -13.41
C SER A 231 -6.92 24.87 -14.53
N PRO A 232 -6.87 25.95 -15.35
CA PRO A 232 -7.76 26.11 -16.50
C PRO A 232 -7.77 24.89 -17.44
N ASP A 233 -6.62 24.24 -17.59
CA ASP A 233 -6.38 23.11 -18.52
C ASP A 233 -7.28 21.95 -18.12
N ILE A 234 -7.27 21.57 -16.85
CA ILE A 234 -8.03 20.40 -16.31
C ILE A 234 -9.53 20.68 -16.42
N LYS A 235 -9.93 21.90 -16.04
CA LYS A 235 -11.32 22.36 -16.12
C LYS A 235 -11.84 22.24 -17.55
N GLN A 236 -11.01 22.57 -18.55
CA GLN A 236 -11.41 22.52 -19.99
C GLN A 236 -11.52 21.04 -20.38
N GLN A 237 -10.68 20.18 -19.84
CA GLN A 237 -10.57 18.75 -20.30
C GLN A 237 -11.80 17.98 -19.83
N TYR A 238 -12.14 18.12 -18.56
CA TYR A 238 -13.29 17.44 -17.89
C TYR A 238 -14.59 18.14 -18.30
N GLY A 239 -14.60 19.47 -18.22
CA GLY A 239 -15.73 20.34 -18.60
C GLY A 239 -16.56 20.73 -17.38
N GLU A 240 -17.13 21.93 -17.39
CA GLU A 240 -18.15 22.38 -16.40
C GLU A 240 -19.26 21.32 -16.38
N GLY A 241 -19.74 20.95 -15.20
CA GLY A 241 -20.85 20.00 -15.10
C GLY A 241 -20.39 18.58 -14.83
N TYR A 242 -19.10 18.29 -15.06
CA TYR A 242 -18.53 16.93 -14.88
C TYR A 242 -18.85 16.40 -13.46
N ILE A 243 -18.63 17.22 -12.43
CA ILE A 243 -18.82 16.82 -11.01
C ILE A 243 -20.30 16.44 -10.78
N GLU A 244 -21.21 17.28 -11.25
CA GLU A 244 -22.68 17.14 -11.04
C GLU A 244 -23.19 15.97 -11.89
N LYS A 245 -22.69 15.80 -13.12
CA LYS A 245 -23.03 14.64 -14.00
C LYS A 245 -22.62 13.33 -13.32
N SER A 246 -21.50 13.33 -12.58
CA SER A 246 -20.92 12.13 -11.91
C SER A 246 -21.56 11.92 -10.53
N LEU A 247 -22.34 12.87 -10.02
CA LEU A 247 -23.17 12.71 -8.81
C LEU A 247 -24.48 12.04 -9.22
N HIS A 248 -25.12 12.47 -10.32
CA HIS A 248 -26.30 11.82 -10.96
C HIS A 248 -26.02 10.33 -11.19
N ARG A 249 -24.75 9.95 -11.30
CA ARG A 249 -24.30 8.56 -11.59
C ARG A 249 -24.04 7.80 -10.27
N LEU A 250 -23.33 8.42 -9.32
CA LEU A 250 -23.14 7.88 -7.95
C LEU A 250 -24.51 7.53 -7.34
N LYS A 251 -25.51 8.40 -7.55
CA LYS A 251 -26.87 8.31 -6.96
C LYS A 251 -27.71 7.26 -7.71
N SER A 252 -27.35 6.89 -8.95
CA SER A 252 -28.04 5.83 -9.73
C SER A 252 -27.75 4.45 -9.11
N ASN A 253 -26.65 4.31 -8.36
CA ASN A 253 -26.16 3.00 -7.79
C ASN A 253 -25.98 3.08 -6.26
N THR A 254 -26.78 3.88 -5.55
CA THR A 254 -26.74 4.01 -4.06
C THR A 254 -27.73 3.01 -3.42
N SER A 255 -28.60 2.38 -4.22
CA SER A 255 -29.59 1.36 -3.76
C SER A 255 -28.83 0.08 -3.38
N SER A 256 -27.84 -0.31 -4.19
CA SER A 256 -27.01 -1.52 -4.04
C SER A 256 -25.91 -1.28 -2.99
N VAL A 257 -26.26 -0.73 -1.82
CA VAL A 257 -25.32 -0.47 -0.68
C VAL A 257 -25.93 -1.08 0.59
N ASN A 258 -25.21 -2.03 1.20
CA ASN A 258 -25.61 -2.78 2.42
C ASN A 258 -25.92 -1.80 3.56
N LEU A 259 -27.04 -2.02 4.26
CA LEU A 259 -27.42 -1.28 5.49
C LEU A 259 -27.17 -2.16 6.71
N ASP A 260 -26.80 -3.43 6.51
CA ASP A 260 -26.63 -4.44 7.59
C ASP A 260 -25.16 -4.56 8.02
N LEU A 261 -24.73 -3.66 8.91
CA LEU A 261 -23.35 -3.61 9.45
C LEU A 261 -22.99 -4.90 10.17
N SER A 262 -23.96 -5.71 10.58
CA SER A 262 -23.73 -6.95 11.39
C SER A 262 -23.05 -8.02 10.53
N LEU A 263 -23.16 -7.94 9.20
CA LEU A 263 -22.45 -8.85 8.26
C LEU A 263 -20.93 -8.69 8.48
N VAL A 264 -20.46 -7.48 8.77
CA VAL A 264 -19.02 -7.19 9.06
C VAL A 264 -18.69 -7.60 10.50
N VAL A 265 -19.54 -7.27 11.47
CA VAL A 265 -19.25 -7.58 12.91
C VAL A 265 -19.32 -9.09 13.11
N GLY A 266 -20.21 -9.80 12.40
CA GLY A 266 -20.25 -11.27 12.40
C GLY A 266 -18.91 -11.87 12.01
N CYS A 267 -18.22 -11.29 11.02
CA CYS A 267 -16.88 -11.69 10.52
C CYS A 267 -15.84 -11.47 11.63
N MET A 268 -15.82 -10.29 12.24
CA MET A 268 -14.99 -9.97 13.43
C MET A 268 -15.28 -11.02 14.52
N ASP A 269 -16.55 -11.40 14.70
CA ASP A 269 -16.97 -12.33 15.78
C ASP A 269 -16.31 -13.69 15.54
N HIS A 270 -16.37 -14.21 14.32
CA HIS A 270 -15.75 -15.51 13.96
C HIS A 270 -14.23 -15.41 14.17
N ALA A 271 -13.61 -14.30 13.78
CA ALA A 271 -12.14 -14.11 13.88
C ALA A 271 -11.72 -14.04 15.36
N LEU A 272 -12.60 -13.57 16.24
CA LEU A 272 -12.31 -13.43 17.69
C LEU A 272 -12.57 -14.74 18.43
N THR A 273 -13.58 -15.52 18.02
CA THR A 273 -14.17 -16.58 18.88
C THR A 273 -13.99 -17.98 18.26
N SER A 274 -13.72 -18.10 16.97
CA SER A 274 -13.50 -19.41 16.31
C SER A 274 -12.12 -19.95 16.69
N LEU A 275 -12.02 -21.26 16.94
CA LEU A 275 -10.72 -21.96 17.10
C LEU A 275 -9.97 -21.97 15.75
N PHE A 276 -10.68 -21.86 14.62
CA PHE A 276 -10.09 -21.87 13.26
C PHE A 276 -10.42 -20.57 12.53
N PRO A 277 -9.84 -19.43 12.96
CA PRO A 277 -10.15 -18.15 12.35
C PRO A 277 -9.56 -18.15 10.95
N LYS A 278 -10.29 -17.60 9.98
CA LYS A 278 -9.86 -17.47 8.57
C LYS A 278 -8.86 -16.31 8.47
N THR A 279 -7.97 -16.39 7.50
CA THR A 279 -6.94 -15.37 7.19
C THR A 279 -7.61 -14.17 6.50
N ARG A 280 -8.69 -14.42 5.74
CA ARG A 280 -9.50 -13.37 5.05
C ARG A 280 -10.99 -13.67 5.16
N TYR A 281 -11.78 -12.64 5.49
CA TYR A 281 -13.26 -12.65 5.43
C TYR A 281 -13.72 -11.57 4.44
N ILE A 282 -14.73 -11.89 3.64
CA ILE A 282 -15.41 -10.97 2.70
C ILE A 282 -16.83 -10.76 3.23
N ALA A 283 -17.22 -9.51 3.48
CA ALA A 283 -18.59 -9.13 3.91
C ALA A 283 -19.30 -8.37 2.79
N GLY A 284 -20.55 -8.75 2.50
CA GLY A 284 -21.39 -8.16 1.45
C GLY A 284 -21.56 -9.14 0.30
N LYS A 285 -22.78 -9.33 -0.20
CA LYS A 285 -23.03 -10.19 -1.39
C LYS A 285 -22.39 -9.51 -2.62
N ASP A 286 -22.36 -8.17 -2.64
CA ASP A 286 -21.63 -7.39 -3.68
C ASP A 286 -20.18 -7.91 -3.76
N ALA A 287 -19.50 -8.00 -2.61
CA ALA A 287 -18.06 -8.36 -2.50
C ALA A 287 -17.84 -9.82 -2.90
N LYS A 288 -18.62 -10.75 -2.35
CA LYS A 288 -18.41 -12.20 -2.57
C LYS A 288 -18.60 -12.55 -4.06
N THR A 289 -19.56 -11.93 -4.74
CA THR A 289 -20.07 -12.40 -6.07
C THR A 289 -19.65 -11.47 -7.21
N PHE A 290 -19.24 -10.22 -6.96
CA PHE A 290 -18.76 -9.29 -8.01
C PHE A 290 -17.33 -8.81 -7.72
N TRP A 291 -17.15 -8.00 -6.67
CA TRP A 291 -15.93 -7.19 -6.47
C TRP A 291 -14.68 -8.07 -6.37
N ILE A 292 -14.65 -9.06 -5.48
CA ILE A 292 -13.44 -9.91 -5.25
C ILE A 292 -13.17 -10.76 -6.49
N PRO A 293 -14.17 -11.42 -7.11
CA PRO A 293 -13.97 -12.06 -8.41
C PRO A 293 -13.29 -11.13 -9.43
N LEU A 294 -13.76 -9.90 -9.51
CA LEU A 294 -13.25 -8.87 -10.45
C LEU A 294 -11.79 -8.53 -10.13
N SER A 295 -11.40 -8.62 -8.85
CA SER A 295 -10.02 -8.35 -8.35
C SER A 295 -9.03 -9.42 -8.86
N HIS A 296 -9.51 -10.61 -9.25
CA HIS A 296 -8.66 -11.72 -9.76
C HIS A 296 -8.52 -11.63 -11.28
N MET A 297 -9.32 -10.79 -11.94
CA MET A 297 -9.34 -10.66 -13.43
C MET A 297 -8.13 -9.82 -13.87
N PRO A 298 -7.48 -10.15 -15.01
CA PRO A 298 -6.51 -9.25 -15.63
C PRO A 298 -7.09 -7.83 -15.86
N ALA A 299 -6.24 -6.82 -15.84
CA ALA A 299 -6.62 -5.38 -15.94
C ALA A 299 -7.43 -5.11 -17.22
N VAL A 300 -7.13 -5.77 -18.34
CA VAL A 300 -7.90 -5.53 -19.58
C VAL A 300 -9.40 -5.67 -19.27
N LEU A 301 -9.76 -6.72 -18.54
CA LEU A 301 -11.17 -7.10 -18.26
C LEU A 301 -11.76 -6.25 -17.11
N GLN A 302 -10.98 -5.97 -16.05
CA GLN A 302 -11.40 -5.03 -14.97
C GLN A 302 -11.71 -3.64 -15.55
N ASP A 303 -10.81 -3.11 -16.39
CA ASP A 303 -10.96 -1.75 -16.98
C ASP A 303 -12.21 -1.75 -17.86
N PHE A 304 -12.42 -2.80 -18.67
CA PHE A 304 -13.62 -2.96 -19.53
C PHE A 304 -14.88 -2.78 -18.68
N LEU A 305 -15.02 -3.57 -17.61
CA LEU A 305 -16.25 -3.64 -16.77
C LEU A 305 -16.39 -2.39 -15.88
N LEU A 306 -15.31 -1.83 -15.35
CA LEU A 306 -15.39 -0.70 -14.40
C LEU A 306 -15.61 0.62 -15.13
N LEU A 307 -15.25 0.72 -16.41
CA LEU A 307 -15.19 2.02 -17.12
C LEU A 307 -16.46 2.22 -17.96
N LYS A 308 -17.14 1.12 -18.34
CA LYS A 308 -18.47 1.15 -19.01
C LYS A 308 -19.32 2.31 -18.48
N GLN A 309 -19.44 2.44 -17.16
CA GLN A 309 -20.21 3.52 -16.49
C GLN A 309 -19.20 4.53 -15.90
N LYS A 310 -18.71 5.45 -16.75
CA LYS A 310 -17.84 6.60 -16.38
C LYS A 310 -18.24 7.80 -17.23
N VAL A 311 -18.25 9.00 -16.66
CA VAL A 311 -18.71 10.22 -17.36
C VAL A 311 -17.65 10.62 -18.40
N GLU A 312 -18.07 10.72 -19.67
CA GLU A 312 -17.28 11.24 -20.83
C GLU A 312 -16.68 12.60 -20.47
N LEU A 313 -15.39 12.82 -20.73
CA LEU A 313 -14.79 14.17 -20.57
C LEU A 313 -15.32 15.06 -21.70
N ALA A 314 -15.41 16.36 -21.48
CA ALA A 314 -15.87 17.33 -22.49
C ALA A 314 -14.83 17.46 -23.61
N ASN A 315 -13.54 17.57 -23.27
CA ASN A 315 -12.47 17.88 -24.25
C ASN A 315 -11.20 17.11 -23.87
N PRO A 316 -11.18 15.78 -24.10
CA PRO A 316 -10.03 14.96 -23.72
C PRO A 316 -8.78 15.31 -24.56
N LYS A 317 -8.97 15.83 -25.77
CA LYS A 317 -7.86 16.22 -26.67
C LYS A 317 -7.34 17.62 -26.33
N ALA A 318 -7.81 18.26 -25.25
CA ALA A 318 -7.37 19.62 -24.83
C ALA A 318 -6.14 19.49 -23.92
N VAL A 319 -5.18 18.66 -24.31
CA VAL A 319 -3.96 18.32 -23.51
C VAL A 319 -2.74 19.08 -24.06
N LEU B 22 3.10 -3.49 -34.62
CA LEU B 22 4.58 -3.30 -34.59
C LEU B 22 4.97 -2.35 -33.43
N LYS B 23 6.11 -1.66 -33.58
CA LYS B 23 6.65 -0.66 -32.64
C LYS B 23 6.10 0.73 -33.02
N ILE B 24 6.17 1.71 -32.12
CA ILE B 24 5.94 3.14 -32.44
C ILE B 24 7.00 3.60 -33.44
N ALA B 25 6.79 4.75 -34.07
CA ALA B 25 7.76 5.47 -34.92
C ALA B 25 8.38 6.66 -34.16
N ASP B 26 9.35 7.32 -34.79
CA ASP B 26 9.97 8.61 -34.34
C ASP B 26 10.41 8.50 -32.88
N ILE B 27 11.08 7.39 -32.55
CA ILE B 27 11.78 7.17 -31.26
C ILE B 27 12.74 8.34 -31.02
N ALA B 28 13.40 8.84 -32.08
CA ALA B 28 14.42 9.91 -31.99
C ALA B 28 13.78 11.23 -31.55
N ASP B 29 12.47 11.39 -31.73
CA ASP B 29 11.77 12.66 -31.40
C ASP B 29 11.10 12.55 -30.02
N LYS B 30 11.27 11.45 -29.30
CA LYS B 30 10.57 11.18 -28.03
C LYS B 30 11.53 11.24 -26.83
N TYR B 31 11.11 11.95 -25.80
CA TYR B 31 11.76 12.09 -24.48
C TYR B 31 11.26 11.02 -23.51
N VAL B 32 12.19 10.46 -22.74
CA VAL B 32 11.91 9.51 -21.63
C VAL B 32 12.57 10.06 -20.37
N PHE B 33 11.77 10.32 -19.34
CA PHE B 33 12.27 10.69 -17.98
C PHE B 33 12.34 9.44 -17.10
N ILE B 34 13.53 9.14 -16.57
CA ILE B 34 13.79 7.98 -15.67
C ILE B 34 14.29 8.52 -14.33
N THR B 35 13.70 8.06 -13.22
CA THR B 35 14.15 8.36 -11.83
C THR B 35 15.10 7.25 -11.34
N GLY B 36 16.07 7.63 -10.51
CA GLY B 36 17.08 6.75 -9.92
C GLY B 36 17.97 6.05 -10.94
N CYS B 37 18.85 6.79 -11.63
CA CYS B 37 19.70 6.26 -12.73
C CYS B 37 21.16 6.08 -12.29
N ASP B 38 21.49 6.40 -11.04
CA ASP B 38 22.83 6.22 -10.45
C ASP B 38 23.26 4.76 -10.63
N THR B 39 22.39 3.80 -10.28
CA THR B 39 22.71 2.34 -10.26
C THR B 39 21.51 1.52 -10.73
N GLY B 40 21.70 0.21 -10.86
CA GLY B 40 20.62 -0.78 -11.04
C GLY B 40 19.82 -0.54 -12.30
N PHE B 41 18.53 -0.91 -12.29
CA PHE B 41 17.65 -0.88 -13.48
C PHE B 41 17.71 0.50 -14.14
N GLY B 42 17.58 1.56 -13.35
CA GLY B 42 17.48 2.93 -13.87
C GLY B 42 18.68 3.31 -14.70
N ASN B 43 19.87 2.95 -14.20
CA ASN B 43 21.16 3.18 -14.89
C ASN B 43 21.21 2.43 -16.23
N LEU B 44 20.88 1.15 -16.24
CA LEU B 44 20.93 0.32 -17.48
C LEU B 44 19.89 0.86 -18.47
N ALA B 45 18.73 1.29 -17.97
CA ALA B 45 17.63 1.83 -18.78
C ALA B 45 18.07 3.12 -19.48
N ALA B 46 18.59 4.10 -18.73
CA ALA B 46 19.15 5.36 -19.27
C ALA B 46 20.12 5.04 -20.40
N ARG B 47 21.09 4.14 -20.16
CA ARG B 47 22.11 3.74 -21.17
C ARG B 47 21.43 3.02 -22.35
N THR B 48 20.48 2.12 -22.11
CA THR B 48 19.85 1.29 -23.18
C THR B 48 19.00 2.18 -24.09
N PHE B 49 18.24 3.13 -23.53
CA PHE B 49 17.32 3.99 -24.29
C PHE B 49 18.12 5.11 -24.98
N ASP B 50 19.26 5.50 -24.41
CA ASP B 50 20.23 6.42 -25.08
C ASP B 50 20.77 5.75 -26.34
N LYS B 51 21.26 4.52 -26.26
CA LYS B 51 21.72 3.71 -27.43
C LYS B 51 20.58 3.59 -28.45
N LYS B 52 19.33 3.44 -28.01
CA LYS B 52 18.17 3.17 -28.90
C LYS B 52 17.77 4.43 -29.67
N GLY B 53 18.09 5.63 -29.18
CA GLY B 53 17.88 6.91 -29.88
C GLY B 53 16.75 7.75 -29.28
N PHE B 54 16.14 7.29 -28.20
CA PHE B 54 15.32 8.17 -27.31
C PHE B 54 16.20 9.31 -26.80
N ARG B 55 15.58 10.41 -26.46
CA ARG B 55 16.20 11.55 -25.74
C ARG B 55 15.97 11.32 -24.25
N VAL B 56 16.95 10.78 -23.54
CA VAL B 56 16.76 10.38 -22.11
C VAL B 56 17.00 11.61 -21.22
N ILE B 57 16.10 11.84 -20.27
CA ILE B 57 16.35 12.71 -19.09
C ILE B 57 16.48 11.78 -17.88
N ALA B 58 17.71 11.57 -17.40
CA ALA B 58 18.10 10.62 -16.34
C ALA B 58 18.23 11.42 -15.05
N ALA B 59 17.24 11.28 -14.17
CA ALA B 59 17.25 11.81 -12.79
C ALA B 59 18.14 10.89 -11.95
N CYS B 60 19.15 11.48 -11.31
CA CYS B 60 20.14 10.82 -10.43
C CYS B 60 20.06 11.49 -9.06
N LEU B 61 20.27 10.70 -8.01
CA LEU B 61 20.31 11.13 -6.60
C LEU B 61 21.61 11.87 -6.29
N THR B 62 22.74 11.48 -6.91
CA THR B 62 24.12 11.93 -6.53
C THR B 62 24.83 12.55 -7.73
N GLU B 63 25.76 13.46 -7.47
CA GLU B 63 26.59 14.14 -8.49
C GLU B 63 27.44 13.08 -9.21
N SER B 64 28.00 12.11 -8.48
CA SER B 64 28.95 11.09 -9.04
C SER B 64 28.16 10.07 -9.89
N GLY B 65 26.94 9.77 -9.49
CA GLY B 65 26.01 8.96 -10.28
C GLY B 65 25.78 9.58 -11.66
N SER B 66 25.52 10.89 -11.72
CA SER B 66 25.19 11.60 -12.98
C SER B 66 26.47 11.85 -13.81
N ALA B 67 27.61 12.14 -13.19
CA ALA B 67 28.90 12.34 -13.89
C ALA B 67 29.33 11.06 -14.63
N ALA B 68 29.20 9.90 -13.97
CA ALA B 68 29.53 8.57 -14.55
C ALA B 68 28.51 8.23 -15.65
N LEU B 69 27.23 8.57 -15.44
CA LEU B 69 26.19 8.31 -16.48
C LEU B 69 26.43 9.21 -17.71
N LYS B 70 26.70 10.52 -17.54
CA LYS B 70 26.99 11.46 -18.65
C LYS B 70 28.17 10.92 -19.45
N ALA B 71 29.24 10.56 -18.74
CA ALA B 71 30.53 10.12 -19.31
C ALA B 71 30.35 8.91 -20.21
N LYS B 72 29.30 8.12 -20.04
CA LYS B 72 29.12 6.82 -20.74
C LYS B 72 28.09 6.92 -21.87
N THR B 73 27.41 8.06 -22.00
CA THR B 73 26.23 8.23 -22.89
C THR B 73 26.50 9.34 -23.90
N SER B 74 25.68 9.38 -24.94
CA SER B 74 25.71 10.38 -26.02
C SER B 74 25.17 11.74 -25.53
N GLU B 75 25.31 12.75 -26.39
CA GLU B 75 24.86 14.14 -26.22
C GLU B 75 23.33 14.21 -26.25
N ARG B 76 22.64 13.20 -26.78
CA ARG B 76 21.15 13.11 -26.73
C ARG B 76 20.68 13.04 -25.26
N LEU B 77 21.51 12.57 -24.32
CA LEU B 77 21.07 12.34 -22.91
C LEU B 77 21.38 13.57 -22.05
N HIS B 78 20.45 13.98 -21.18
CA HIS B 78 20.69 15.01 -20.13
C HIS B 78 20.50 14.30 -18.78
N THR B 79 21.22 14.71 -17.75
CA THR B 79 21.03 14.27 -16.36
C THR B 79 20.53 15.48 -15.55
N VAL B 80 19.71 15.21 -14.54
CA VAL B 80 19.25 16.21 -13.54
C VAL B 80 19.44 15.55 -12.19
N LEU B 81 19.79 16.31 -11.15
CA LEU B 81 19.82 15.87 -9.73
C LEU B 81 18.39 15.93 -9.19
N LEU B 82 17.83 14.76 -8.85
CA LEU B 82 16.49 14.63 -8.25
C LEU B 82 16.59 13.70 -7.03
N ASP B 83 16.21 14.20 -5.85
CA ASP B 83 15.68 13.44 -4.69
C ASP B 83 14.14 13.43 -4.78
N VAL B 84 13.53 12.27 -5.08
CA VAL B 84 12.05 12.14 -5.31
C VAL B 84 11.28 12.48 -4.01
N THR B 85 11.91 12.45 -2.85
CA THR B 85 11.23 12.79 -1.56
C THR B 85 11.28 14.29 -1.27
N ASP B 86 11.86 15.11 -2.17
CA ASP B 86 12.00 16.57 -1.97
C ASP B 86 11.04 17.28 -2.90
N PRO B 87 9.86 17.75 -2.40
CA PRO B 87 8.81 18.25 -3.31
C PRO B 87 9.17 19.52 -4.09
N GLU B 88 9.97 20.43 -3.52
CA GLU B 88 10.58 21.59 -4.22
C GLU B 88 11.42 21.11 -5.41
N ASN B 89 12.30 20.13 -5.18
CA ASN B 89 13.24 19.55 -6.18
C ASN B 89 12.42 18.91 -7.30
N VAL B 90 11.36 18.20 -6.97
CA VAL B 90 10.50 17.52 -7.97
C VAL B 90 9.81 18.62 -8.81
N LYS B 91 9.34 19.69 -8.18
CA LYS B 91 8.54 20.72 -8.89
C LYS B 91 9.48 21.47 -9.85
N LYS B 92 10.64 21.93 -9.37
CA LYS B 92 11.75 22.51 -10.19
C LYS B 92 12.08 21.59 -11.37
N THR B 93 12.37 20.31 -11.13
CA THR B 93 12.73 19.36 -12.21
C THR B 93 11.60 19.26 -13.23
N ALA B 94 10.33 19.21 -12.81
CA ALA B 94 9.15 19.17 -13.71
C ALA B 94 9.08 20.45 -14.53
N GLN B 95 9.43 21.60 -13.95
CA GLN B 95 9.49 22.89 -14.67
C GLN B 95 10.58 22.79 -15.75
N TRP B 96 11.77 22.34 -15.37
CA TRP B 96 12.91 22.16 -16.31
C TRP B 96 12.46 21.27 -17.49
N VAL B 97 11.84 20.12 -17.20
CA VAL B 97 11.41 19.15 -18.24
C VAL B 97 10.36 19.81 -19.13
N LYS B 98 9.43 20.56 -18.57
CA LYS B 98 8.32 21.20 -19.32
C LYS B 98 8.88 22.18 -20.35
N SER B 99 9.84 23.04 -19.97
CA SER B 99 10.57 23.97 -20.89
C SER B 99 11.24 23.19 -22.03
N HIS B 100 11.96 22.13 -21.68
CA HIS B 100 12.90 21.42 -22.58
C HIS B 100 12.14 20.58 -23.61
N VAL B 101 11.03 19.95 -23.24
CA VAL B 101 10.27 19.06 -24.17
C VAL B 101 9.26 19.92 -24.98
N GLY B 102 8.93 21.12 -24.48
CA GLY B 102 7.91 22.00 -25.09
C GLY B 102 6.69 21.20 -25.51
N GLU B 103 6.29 21.31 -26.77
CA GLU B 103 4.98 20.84 -27.27
C GLU B 103 5.08 19.36 -27.69
N LYS B 104 6.27 18.76 -27.66
CA LYS B 104 6.37 17.28 -27.79
C LYS B 104 5.72 16.58 -26.58
N GLY B 105 5.66 17.27 -25.44
CA GLY B 105 5.33 16.61 -24.17
C GLY B 105 6.36 15.56 -23.80
N LEU B 106 6.02 14.71 -22.83
CA LEU B 106 6.94 13.70 -22.26
C LEU B 106 6.40 12.33 -22.60
N TRP B 107 6.99 11.67 -23.59
CA TRP B 107 6.49 10.38 -24.11
C TRP B 107 6.49 9.32 -23.00
N GLY B 108 7.51 9.28 -22.14
CA GLY B 108 7.71 8.17 -21.19
C GLY B 108 8.11 8.68 -19.82
N LEU B 109 7.44 8.24 -18.77
CA LEU B 109 7.89 8.41 -17.38
C LEU B 109 8.15 7.02 -16.82
N ILE B 110 9.37 6.75 -16.39
CA ILE B 110 9.72 5.49 -15.70
C ILE B 110 10.01 5.81 -14.24
N ASN B 111 9.06 5.50 -13.35
CA ASN B 111 9.21 5.62 -11.87
C ASN B 111 9.98 4.40 -11.41
N ASN B 112 11.30 4.54 -11.27
CA ASN B 112 12.23 3.44 -10.96
C ASN B 112 12.83 3.62 -9.56
N ALA B 113 12.98 4.85 -9.08
CA ALA B 113 13.66 5.16 -7.81
C ALA B 113 12.97 4.38 -6.69
N GLY B 114 13.75 3.73 -5.83
CA GLY B 114 13.24 2.94 -4.69
C GLY B 114 14.34 2.59 -3.70
N VAL B 115 13.97 2.28 -2.46
CA VAL B 115 14.89 1.76 -1.40
C VAL B 115 14.16 0.62 -0.70
N LEU B 116 14.93 -0.30 -0.13
CA LEU B 116 14.45 -1.46 0.65
C LEU B 116 13.90 -0.98 2.00
N GLY B 117 14.58 -0.04 2.65
CA GLY B 117 14.32 0.31 4.06
C GLY B 117 14.79 -0.81 4.99
N VAL B 118 14.50 -0.69 6.28
CA VAL B 118 14.78 -1.71 7.33
C VAL B 118 13.88 -2.93 7.08
N LEU B 119 14.47 -4.11 6.98
CA LEU B 119 13.76 -5.39 6.82
C LEU B 119 14.10 -6.23 8.05
N ALA B 120 13.09 -6.58 8.83
CA ALA B 120 13.25 -7.31 10.12
C ALA B 120 11.87 -7.81 10.54
N PRO B 121 11.79 -8.79 11.45
CA PRO B 121 10.50 -9.21 12.00
C PRO B 121 9.73 -7.99 12.54
N THR B 122 8.43 -7.99 12.29
CA THR B 122 7.52 -6.87 12.59
C THR B 122 7.68 -6.45 14.05
N ASP B 123 7.79 -7.41 14.97
CA ASP B 123 7.84 -7.19 16.45
C ASP B 123 9.20 -6.61 16.89
N TRP B 124 10.12 -6.30 15.96
CA TRP B 124 11.40 -5.62 16.27
C TRP B 124 11.29 -4.12 15.98
N LEU B 125 10.25 -3.71 15.25
CA LEU B 125 10.21 -2.40 14.53
C LEU B 125 9.36 -1.37 15.27
N THR B 126 9.59 -0.09 14.96
CA THR B 126 8.70 1.03 15.35
C THR B 126 8.04 1.54 14.07
N VAL B 127 6.99 2.34 14.18
CA VAL B 127 6.26 2.83 12.97
C VAL B 127 7.25 3.65 12.13
N ASP B 128 8.17 4.42 12.76
CA ASP B 128 9.18 5.26 12.06
C ASP B 128 10.01 4.44 11.06
N ASP B 129 10.33 3.19 11.38
CA ASP B 129 11.07 2.28 10.48
C ASP B 129 10.32 2.10 9.15
N TYR B 130 9.00 2.29 9.12
CA TYR B 130 8.15 2.05 7.93
C TYR B 130 8.18 3.27 6.98
N ARG B 131 8.57 4.44 7.50
CA ARG B 131 8.42 5.75 6.84
C ARG B 131 9.27 5.88 5.59
N GLU B 132 10.57 5.54 5.64
CA GLU B 132 11.53 5.87 4.55
C GLU B 132 11.10 5.16 3.26
N PRO B 133 10.90 3.81 3.23
CA PRO B 133 10.54 3.14 1.98
C PRO B 133 9.21 3.66 1.41
N ILE B 134 8.21 3.91 2.25
CA ILE B 134 6.90 4.48 1.81
C ILE B 134 7.13 5.88 1.25
N GLU B 135 8.03 6.67 1.85
CA GLU B 135 8.27 8.07 1.40
C GLU B 135 8.91 8.06 0.00
N VAL B 136 9.87 7.17 -0.27
CA VAL B 136 10.55 7.09 -1.60
C VAL B 136 9.65 6.34 -2.57
N ASN B 137 9.29 5.10 -2.24
CA ASN B 137 8.67 4.15 -3.20
C ASN B 137 7.23 4.55 -3.55
N LEU B 138 6.47 5.18 -2.62
CA LEU B 138 5.05 5.55 -2.85
C LEU B 138 4.92 7.06 -3.04
N PHE B 139 5.20 7.86 -2.01
CA PHE B 139 4.95 9.32 -2.05
C PHE B 139 5.81 9.93 -3.16
N GLY B 140 7.09 9.56 -3.24
CA GLY B 140 8.03 10.06 -4.27
C GLY B 140 7.56 9.71 -5.67
N LEU B 141 7.20 8.46 -5.90
CA LEU B 141 6.65 7.97 -7.19
C LEU B 141 5.37 8.76 -7.53
N ILE B 142 4.46 8.92 -6.56
CA ILE B 142 3.18 9.67 -6.79
C ILE B 142 3.51 11.12 -7.15
N ASN B 143 4.36 11.80 -6.36
CA ASN B 143 4.61 13.25 -6.58
C ASN B 143 5.26 13.47 -7.95
N VAL B 144 6.27 12.68 -8.29
CA VAL B 144 6.91 12.72 -9.64
C VAL B 144 5.82 12.46 -10.68
N THR B 145 4.97 11.46 -10.49
CA THR B 145 3.88 11.14 -11.47
C THR B 145 2.97 12.37 -11.62
N LEU B 146 2.50 12.95 -10.51
CA LEU B 146 1.51 14.06 -10.58
C LEU B 146 2.15 15.28 -11.27
N ASN B 147 3.46 15.52 -11.05
CA ASN B 147 4.17 16.70 -11.62
C ASN B 147 4.45 16.52 -13.11
N MET B 148 4.65 15.30 -13.61
CA MET B 148 4.97 15.02 -15.03
C MET B 148 3.71 14.69 -15.83
N LEU B 149 2.62 14.34 -15.17
CA LEU B 149 1.41 13.81 -15.84
C LEU B 149 0.87 14.76 -16.92
N PRO B 150 0.80 16.11 -16.73
CA PRO B 150 0.34 17.01 -17.79
C PRO B 150 1.20 16.90 -19.05
N LEU B 151 2.51 16.66 -18.88
CA LEU B 151 3.45 16.47 -20.00
C LEU B 151 3.21 15.11 -20.68
N VAL B 152 2.87 14.06 -19.92
CA VAL B 152 2.66 12.70 -20.50
C VAL B 152 1.33 12.70 -21.27
N LYS B 153 0.28 13.32 -20.72
CA LYS B 153 -1.02 13.57 -21.41
C LYS B 153 -0.76 14.30 -22.74
N LYS B 154 0.03 15.38 -22.70
CA LYS B 154 0.38 16.15 -23.91
C LYS B 154 0.92 15.24 -25.01
N ALA B 155 1.76 14.25 -24.66
CA ALA B 155 2.42 13.34 -25.63
C ALA B 155 1.53 12.13 -25.92
N ARG B 156 0.44 11.92 -25.17
CA ARG B 156 -0.39 10.68 -25.22
C ARG B 156 0.52 9.49 -24.92
N GLY B 157 1.38 9.66 -23.93
CA GLY B 157 2.53 8.77 -23.69
C GLY B 157 2.25 7.68 -22.66
N ARG B 158 3.31 7.25 -21.98
CA ARG B 158 3.43 5.98 -21.23
C ARG B 158 3.92 6.30 -19.82
N VAL B 159 3.19 5.87 -18.78
CA VAL B 159 3.74 5.83 -17.39
C VAL B 159 4.09 4.38 -17.05
N ILE B 160 5.33 4.14 -16.65
CA ILE B 160 5.88 2.79 -16.30
C ILE B 160 6.29 2.83 -14.83
N ASN B 161 5.54 2.11 -13.99
CA ASN B 161 5.79 2.02 -12.53
C ASN B 161 6.53 0.71 -12.24
N VAL B 162 7.66 0.82 -11.55
CA VAL B 162 8.44 -0.38 -11.13
C VAL B 162 7.91 -0.81 -9.76
N SER B 163 7.20 -1.93 -9.70
CA SER B 163 6.66 -2.47 -8.44
C SER B 163 7.68 -3.49 -7.90
N SER B 164 7.28 -4.75 -7.78
CA SER B 164 8.01 -5.81 -7.05
C SER B 164 7.05 -7.00 -6.89
N ILE B 165 7.59 -8.21 -6.88
CA ILE B 165 6.84 -9.40 -6.37
C ILE B 165 6.41 -9.07 -4.94
N GLY B 166 7.16 -8.19 -4.26
CA GLY B 166 6.88 -7.66 -2.92
C GLY B 166 5.61 -6.83 -2.85
N GLY B 167 5.03 -6.48 -4.01
CA GLY B 167 3.75 -5.75 -4.13
C GLY B 167 2.60 -6.67 -4.43
N ARG B 168 2.85 -7.98 -4.59
CA ARG B 168 1.83 -9.02 -4.84
C ARG B 168 1.90 -10.12 -3.77
N LEU B 169 3.03 -10.21 -3.06
CA LEU B 169 3.33 -11.24 -2.05
C LEU B 169 4.22 -10.57 -1.00
N ALA B 170 3.81 -10.59 0.27
CA ALA B 170 4.46 -9.81 1.35
C ALA B 170 5.83 -10.42 1.68
N PHE B 171 6.85 -9.57 1.76
CA PHE B 171 8.19 -9.89 2.31
C PHE B 171 8.05 -9.84 3.82
N GLY B 172 9.16 -10.00 4.55
CA GLY B 172 9.20 -9.82 6.01
C GLY B 172 8.77 -8.43 6.44
N GLY B 173 8.89 -8.17 7.74
CA GLY B 173 8.48 -6.91 8.37
C GLY B 173 9.21 -5.73 7.77
N GLY B 174 8.57 -4.57 7.78
CA GLY B 174 9.14 -3.30 7.30
C GLY B 174 8.25 -2.71 6.24
N GLY B 175 8.53 -1.47 5.85
CA GLY B 175 7.67 -0.68 4.96
C GLY B 175 7.80 -1.03 3.48
N TYR B 176 8.78 -1.84 3.10
CA TYR B 176 8.99 -2.14 1.67
C TYR B 176 7.72 -2.77 1.09
N THR B 177 7.23 -3.86 1.67
CA THR B 177 6.06 -4.56 1.08
C THR B 177 4.84 -3.63 1.09
N PRO B 178 4.48 -2.95 2.20
CA PRO B 178 3.38 -1.98 2.17
C PRO B 178 3.50 -0.91 1.07
N SER B 179 4.68 -0.32 0.91
CA SER B 179 5.00 0.69 -0.15
C SER B 179 4.73 0.08 -1.52
N LYS B 180 5.11 -1.18 -1.74
CA LYS B 180 4.99 -1.81 -3.08
C LYS B 180 3.54 -2.21 -3.38
N TYR B 181 2.82 -2.75 -2.39
CA TYR B 181 1.36 -2.99 -2.47
C TYR B 181 0.63 -1.69 -2.82
N ALA B 182 1.00 -0.59 -2.17
CA ALA B 182 0.40 0.75 -2.36
C ALA B 182 0.63 1.20 -3.82
N VAL B 183 1.84 1.06 -4.33
CA VAL B 183 2.22 1.38 -5.74
C VAL B 183 1.28 0.61 -6.68
N GLU B 184 1.04 -0.68 -6.40
CA GLU B 184 0.14 -1.50 -7.24
C GLU B 184 -1.25 -0.85 -7.28
N GLY B 185 -1.74 -0.36 -6.13
CA GLY B 185 -3.05 0.31 -6.00
C GLY B 185 -3.09 1.63 -6.77
N PHE B 186 -2.10 2.47 -6.55
CA PHE B 186 -1.97 3.76 -7.25
C PHE B 186 -1.87 3.55 -8.76
N ASN B 187 -1.02 2.60 -9.18
CA ASN B 187 -0.86 2.23 -10.61
C ASN B 187 -2.23 1.97 -11.25
N ASP B 188 -3.13 1.25 -10.59
CA ASP B 188 -4.44 0.88 -11.21
C ASP B 188 -5.39 2.10 -11.25
N SER B 189 -5.42 2.92 -10.20
CA SER B 189 -6.20 4.18 -10.16
C SER B 189 -5.77 5.08 -11.32
N LEU B 190 -4.45 5.19 -11.54
CA LEU B 190 -3.85 6.01 -12.62
C LEU B 190 -4.24 5.42 -13.97
N ARG B 191 -4.08 4.11 -14.16
CA ARG B 191 -4.42 3.48 -15.47
C ARG B 191 -5.88 3.83 -15.80
N ARG B 192 -6.79 3.70 -14.85
CA ARG B 192 -8.22 3.89 -15.14
C ARG B 192 -8.53 5.37 -15.38
N ASP B 193 -7.91 6.28 -14.63
CA ASP B 193 -8.11 7.75 -14.77
C ASP B 193 -7.53 8.22 -16.11
N MET B 194 -6.50 7.55 -16.66
CA MET B 194 -5.76 8.03 -17.85
C MET B 194 -6.24 7.39 -19.17
N LYS B 195 -7.08 6.35 -19.10
CA LYS B 195 -7.56 5.67 -20.33
C LYS B 195 -8.22 6.72 -21.25
N ALA B 196 -8.95 7.69 -20.67
CA ALA B 196 -9.68 8.74 -21.44
C ALA B 196 -8.68 9.66 -22.16
N PHE B 197 -7.43 9.80 -21.71
CA PHE B 197 -6.42 10.67 -22.37
C PHE B 197 -5.49 9.90 -23.31
N GLY B 198 -5.73 8.60 -23.52
CA GLY B 198 -4.90 7.74 -24.39
C GLY B 198 -3.54 7.46 -23.76
N VAL B 199 -3.36 7.81 -22.49
CA VAL B 199 -2.09 7.56 -21.75
C VAL B 199 -2.13 6.10 -21.26
N HIS B 200 -1.12 5.29 -21.57
CA HIS B 200 -1.03 3.89 -21.11
C HIS B 200 -0.20 3.84 -19.84
N VAL B 201 -0.55 2.94 -18.91
CA VAL B 201 0.14 2.79 -17.62
C VAL B 201 0.55 1.33 -17.50
N SER B 202 1.85 1.08 -17.33
CA SER B 202 2.45 -0.26 -17.27
C SER B 202 3.11 -0.44 -15.89
N CYS B 203 2.86 -1.59 -15.28
CA CYS B 203 3.44 -1.97 -13.98
C CYS B 203 4.47 -3.09 -14.22
N ILE B 204 5.72 -2.90 -13.84
CA ILE B 204 6.79 -3.94 -13.95
C ILE B 204 7.03 -4.57 -12.57
N GLU B 205 6.93 -5.90 -12.49
CA GLU B 205 7.14 -6.70 -11.26
C GLU B 205 8.37 -7.61 -11.43
N PRO B 206 9.57 -7.09 -11.08
CA PRO B 206 10.78 -7.90 -11.09
C PRO B 206 10.82 -8.92 -9.96
N GLY B 207 11.37 -10.10 -10.25
CA GLY B 207 11.90 -11.04 -9.23
C GLY B 207 13.11 -10.45 -8.51
N LEU B 208 13.96 -11.28 -7.92
CA LEU B 208 15.17 -10.80 -7.19
C LEU B 208 16.34 -10.67 -8.18
N PHE B 209 16.95 -9.48 -8.22
CA PHE B 209 18.03 -9.10 -9.16
C PHE B 209 19.19 -8.47 -8.40
N LYS B 210 20.43 -8.79 -8.80
CA LYS B 210 21.68 -8.25 -8.19
C LYS B 210 21.79 -6.77 -8.56
N THR B 211 21.33 -5.88 -7.68
CA THR B 211 21.45 -4.39 -7.79
C THR B 211 22.01 -3.91 -6.45
N GLU B 212 21.93 -2.62 -6.14
CA GLU B 212 22.39 -2.08 -4.84
C GLU B 212 21.20 -2.01 -3.86
N LEU B 213 20.03 -2.47 -4.26
CA LEU B 213 18.80 -2.36 -3.42
C LEU B 213 18.96 -3.24 -2.17
N ALA B 214 19.25 -4.53 -2.38
CA ALA B 214 19.05 -5.63 -1.43
C ALA B 214 20.37 -6.37 -1.21
N ASP B 215 21.04 -6.02 -0.13
CA ASP B 215 22.43 -6.43 0.14
C ASP B 215 22.44 -7.21 1.45
N PRO B 216 22.51 -8.56 1.43
CA PRO B 216 22.41 -9.36 2.65
C PRO B 216 23.22 -8.79 3.83
N ILE B 217 24.41 -8.23 3.55
CA ILE B 217 25.31 -7.67 4.60
C ILE B 217 24.72 -6.35 5.12
N LYS B 218 24.26 -5.47 4.22
CA LYS B 218 23.62 -4.17 4.59
C LYS B 218 22.39 -4.44 5.46
N THR B 219 21.61 -5.47 5.07
CA THR B 219 20.32 -5.89 5.68
C THR B 219 20.61 -6.40 7.10
N THR B 220 21.62 -7.27 7.25
CA THR B 220 22.08 -7.85 8.53
C THR B 220 22.66 -6.76 9.43
N GLU B 221 23.25 -5.71 8.85
CA GLU B 221 23.96 -4.64 9.62
C GLU B 221 22.89 -3.76 10.28
N LYS B 222 21.73 -3.58 9.63
CA LYS B 222 20.58 -2.80 10.17
C LYS B 222 19.90 -3.60 11.29
N LYS B 223 19.63 -4.89 11.05
CA LYS B 223 19.09 -5.84 12.06
C LYS B 223 19.93 -5.81 13.34
N LEU B 224 21.26 -5.72 13.20
CA LEU B 224 22.18 -5.73 14.36
C LEU B 224 22.05 -4.41 15.15
N ALA B 225 21.94 -3.27 14.48
CA ALA B 225 21.79 -1.95 15.13
C ALA B 225 20.47 -1.93 15.92
N ILE B 226 19.40 -2.46 15.34
CA ILE B 226 18.08 -2.62 16.02
C ILE B 226 18.25 -3.56 17.22
N TRP B 227 18.90 -4.71 17.05
CA TRP B 227 19.13 -5.72 18.12
C TRP B 227 19.73 -5.06 19.36
N LYS B 228 20.70 -4.17 19.15
CA LYS B 228 21.48 -3.48 20.22
C LYS B 228 20.53 -2.77 21.19
N HIS B 229 19.35 -2.31 20.75
CA HIS B 229 18.41 -1.48 21.56
C HIS B 229 17.07 -2.19 21.75
N LEU B 230 16.97 -3.47 21.36
CA LEU B 230 15.75 -4.32 21.42
C LEU B 230 15.49 -4.74 22.88
N SER B 231 14.23 -4.88 23.29
CA SER B 231 13.86 -5.19 24.70
C SER B 231 14.38 -6.57 25.07
N PRO B 232 14.66 -6.81 26.37
CA PRO B 232 15.08 -8.13 26.85
C PRO B 232 14.16 -9.27 26.41
N ASP B 233 12.86 -9.00 26.36
CA ASP B 233 11.79 -9.98 26.06
C ASP B 233 11.99 -10.53 24.65
N ILE B 234 12.18 -9.65 23.67
CA ILE B 234 12.31 -10.02 22.23
C ILE B 234 13.61 -10.80 22.05
N LYS B 235 14.68 -10.32 22.65
CA LYS B 235 16.02 -10.97 22.59
C LYS B 235 15.91 -12.40 23.13
N GLN B 236 15.15 -12.63 24.20
CA GLN B 236 14.95 -13.99 24.78
C GLN B 236 14.14 -14.84 23.80
N GLN B 237 13.18 -14.24 23.10
CA GLN B 237 12.18 -15.01 22.30
C GLN B 237 12.85 -15.54 21.03
N TYR B 238 13.60 -14.68 20.35
CA TYR B 238 14.34 -15.00 19.10
C TYR B 238 15.60 -15.77 19.46
N GLY B 239 16.37 -15.27 20.44
CA GLY B 239 17.58 -15.90 20.97
C GLY B 239 18.83 -15.28 20.36
N GLU B 240 19.92 -15.24 21.12
CA GLU B 240 21.27 -14.86 20.61
C GLU B 240 21.59 -15.76 19.41
N GLY B 241 22.11 -15.19 18.34
CA GLY B 241 22.54 -15.99 17.18
C GLY B 241 21.50 -16.04 16.09
N TYR B 242 20.26 -15.64 16.39
CA TYR B 242 19.13 -15.62 15.43
C TYR B 242 19.54 -14.86 14.15
N ILE B 243 20.12 -13.66 14.29
CA ILE B 243 20.49 -12.79 13.14
C ILE B 243 21.52 -13.51 12.28
N GLU B 244 22.57 -14.07 12.91
CA GLU B 244 23.71 -14.71 12.21
C GLU B 244 23.22 -16.02 11.58
N LYS B 245 22.35 -16.79 12.25
CA LYS B 245 21.71 -18.00 11.67
C LYS B 245 20.90 -17.64 10.41
N SER B 246 20.27 -16.46 10.39
CA SER B 246 19.41 -15.91 9.32
C SER B 246 20.24 -15.38 8.14
N LEU B 247 21.52 -15.07 8.38
CA LEU B 247 22.48 -14.62 7.33
C LEU B 247 23.00 -15.88 6.60
N HIS B 248 23.37 -16.94 7.34
CA HIS B 248 23.76 -18.27 6.79
C HIS B 248 22.67 -18.79 5.85
N ARG B 249 21.43 -18.33 6.01
CA ARG B 249 20.25 -18.77 5.24
C ARG B 249 20.02 -17.86 4.03
N LEU B 250 20.10 -16.53 4.20
CA LEU B 250 20.08 -15.54 3.08
C LEU B 250 21.14 -15.93 2.05
N LYS B 251 22.33 -16.33 2.53
CA LYS B 251 23.52 -16.67 1.70
C LYS B 251 23.36 -18.05 1.04
N SER B 252 22.51 -18.92 1.56
CA SER B 252 22.22 -20.27 0.96
C SER B 252 21.42 -20.10 -0.35
N ASN B 253 20.71 -18.97 -0.51
CA ASN B 253 19.76 -18.71 -1.63
C ASN B 253 20.12 -17.42 -2.39
N THR B 254 21.41 -17.05 -2.45
CA THR B 254 21.93 -15.93 -3.28
C THR B 254 22.34 -16.45 -4.67
N SER B 255 22.37 -17.77 -4.87
CA SER B 255 22.55 -18.41 -6.20
C SER B 255 21.32 -18.16 -7.07
N SER B 256 20.11 -18.28 -6.50
CA SER B 256 18.81 -18.10 -7.20
C SER B 256 18.46 -16.62 -7.29
N VAL B 257 19.42 -15.77 -7.70
CA VAL B 257 19.25 -14.31 -7.88
C VAL B 257 19.79 -13.93 -9.26
N ASN B 258 18.92 -13.40 -10.12
CA ASN B 258 19.21 -12.97 -11.51
C ASN B 258 20.35 -11.94 -11.49
N LEU B 259 21.31 -12.09 -12.40
CA LEU B 259 22.41 -11.13 -12.63
C LEU B 259 22.11 -10.32 -13.89
N ASP B 260 21.09 -10.70 -14.67
CA ASP B 260 20.76 -10.09 -15.99
C ASP B 260 19.69 -9.01 -15.85
N LEU B 261 20.11 -7.78 -15.51
CA LEU B 261 19.24 -6.60 -15.33
C LEU B 261 18.47 -6.29 -16.62
N SER B 262 18.94 -6.77 -17.77
CA SER B 262 18.35 -6.40 -19.10
C SER B 262 16.98 -7.08 -19.26
N LEU B 263 16.70 -8.15 -18.52
CA LEU B 263 15.35 -8.79 -18.45
C LEU B 263 14.32 -7.75 -17.99
N VAL B 264 14.67 -6.87 -17.05
CA VAL B 264 13.79 -5.76 -16.58
C VAL B 264 13.77 -4.62 -17.61
N VAL B 265 14.91 -4.20 -18.13
CA VAL B 265 14.97 -3.06 -19.09
C VAL B 265 14.27 -3.45 -20.39
N GLY B 266 14.36 -4.72 -20.81
CA GLY B 266 13.61 -5.24 -21.98
C GLY B 266 12.11 -5.03 -21.81
N CYS B 267 11.58 -5.24 -20.60
CA CYS B 267 10.16 -5.03 -20.22
C CYS B 267 9.81 -3.54 -20.34
N MET B 268 10.61 -2.66 -19.76
CA MET B 268 10.50 -1.19 -19.92
C MET B 268 10.50 -0.86 -21.41
N ASP B 269 11.34 -1.52 -22.20
CA ASP B 269 11.50 -1.24 -23.65
C ASP B 269 10.17 -1.53 -24.34
N HIS B 270 9.56 -2.68 -24.08
CA HIS B 270 8.28 -3.08 -24.71
C HIS B 270 7.20 -2.07 -24.29
N ALA B 271 7.19 -1.63 -23.03
CA ALA B 271 6.19 -0.70 -22.48
C ALA B 271 6.34 0.69 -23.11
N LEU B 272 7.57 1.05 -23.52
CA LEU B 272 7.87 2.37 -24.14
C LEU B 272 7.57 2.34 -25.64
N THR B 273 7.81 1.22 -26.32
CA THR B 273 7.97 1.19 -27.80
C THR B 273 6.86 0.35 -28.47
N SER B 274 6.19 -0.55 -27.76
CA SER B 274 5.10 -1.38 -28.33
C SER B 274 3.85 -0.54 -28.54
N LEU B 275 3.14 -0.76 -29.65
CA LEU B 275 1.81 -0.15 -29.89
C LEU B 275 0.79 -0.76 -28.91
N PHE B 276 1.04 -1.97 -28.39
CA PHE B 276 0.13 -2.70 -27.47
C PHE B 276 0.87 -2.99 -26.17
N PRO B 277 1.18 -1.96 -25.36
CA PRO B 277 1.94 -2.17 -24.13
C PRO B 277 1.05 -2.93 -23.16
N LYS B 278 1.62 -3.89 -22.43
CA LYS B 278 0.93 -4.69 -21.40
C LYS B 278 0.73 -3.82 -20.15
N THR B 279 -0.30 -4.11 -19.38
CA THR B 279 -0.62 -3.44 -18.10
C THR B 279 0.32 -3.93 -17.00
N ARG B 280 0.79 -5.19 -17.10
CA ARG B 280 1.76 -5.79 -16.14
C ARG B 280 2.81 -6.62 -16.89
N TYR B 281 4.09 -6.43 -16.55
CA TYR B 281 5.22 -7.29 -16.99
C TYR B 281 5.87 -7.92 -15.76
N ILE B 282 6.21 -9.20 -15.87
CA ILE B 282 6.92 -9.99 -14.85
C ILE B 282 8.31 -10.30 -15.39
N ALA B 283 9.36 -9.89 -14.67
CA ALA B 283 10.77 -10.14 -15.06
C ALA B 283 11.40 -11.15 -14.08
N GLY B 284 12.09 -12.15 -14.62
CA GLY B 284 12.74 -13.25 -13.89
C GLY B 284 11.97 -14.56 -14.07
N LYS B 285 12.67 -15.66 -14.30
CA LYS B 285 12.04 -17.01 -14.37
C LYS B 285 11.51 -17.36 -12.97
N ASP B 286 12.20 -16.92 -11.92
CA ASP B 286 11.74 -17.05 -10.52
C ASP B 286 10.30 -16.49 -10.42
N ALA B 287 10.08 -15.27 -10.92
CA ALA B 287 8.80 -14.52 -10.80
C ALA B 287 7.70 -15.21 -11.62
N LYS B 288 7.95 -15.51 -12.88
CA LYS B 288 6.92 -16.06 -13.80
C LYS B 288 6.42 -17.41 -13.28
N THR B 289 7.30 -18.26 -12.75
CA THR B 289 7.02 -19.71 -12.54
C THR B 289 6.84 -20.06 -11.05
N PHE B 290 7.29 -19.22 -10.11
CA PHE B 290 7.11 -19.44 -8.65
C PHE B 290 6.34 -18.28 -8.00
N TRP B 291 6.96 -17.10 -7.91
CA TRP B 291 6.51 -16.00 -7.01
C TRP B 291 5.07 -15.58 -7.34
N ILE B 292 4.77 -15.21 -8.59
CA ILE B 292 3.44 -14.68 -8.98
C ILE B 292 2.38 -15.77 -8.84
N PRO B 293 2.61 -17.01 -9.32
CA PRO B 293 1.70 -18.11 -9.00
C PRO B 293 1.37 -18.22 -7.51
N LEU B 294 2.40 -18.14 -6.66
CA LEU B 294 2.28 -18.24 -5.18
C LEU B 294 1.41 -17.07 -4.65
N SER B 295 1.46 -15.91 -5.31
CA SER B 295 0.70 -14.69 -4.93
C SER B 295 -0.81 -14.89 -5.15
N HIS B 296 -1.23 -15.85 -5.99
CA HIS B 296 -2.66 -16.13 -6.26
C HIS B 296 -3.22 -17.17 -5.28
N MET B 297 -2.35 -17.85 -4.54
CA MET B 297 -2.77 -18.93 -3.60
C MET B 297 -3.31 -18.32 -2.30
N PRO B 298 -4.35 -18.92 -1.68
CA PRO B 298 -4.74 -18.57 -0.32
C PRO B 298 -3.57 -18.68 0.68
N ALA B 299 -3.67 -17.87 1.75
CA ALA B 299 -2.64 -17.67 2.79
C ALA B 299 -2.20 -18.99 3.43
N VAL B 300 -3.10 -19.95 3.66
CA VAL B 300 -2.71 -21.26 4.27
C VAL B 300 -1.49 -21.80 3.50
N LEU B 301 -1.54 -21.74 2.17
CA LEU B 301 -0.58 -22.41 1.25
C LEU B 301 0.67 -21.54 1.09
N GLN B 302 0.51 -20.21 0.96
CA GLN B 302 1.65 -19.27 0.94
C GLN B 302 2.49 -19.39 2.22
N ASP B 303 1.83 -19.40 3.38
CA ASP B 303 2.50 -19.44 4.70
C ASP B 303 3.25 -20.78 4.80
N PHE B 304 2.61 -21.89 4.39
CA PHE B 304 3.20 -23.26 4.33
C PHE B 304 4.56 -23.16 3.65
N LEU B 305 4.58 -22.67 2.40
CA LEU B 305 5.76 -22.70 1.51
C LEU B 305 6.80 -21.65 1.93
N LEU B 306 6.38 -20.46 2.37
CA LEU B 306 7.33 -19.35 2.67
C LEU B 306 7.98 -19.53 4.04
N LEU B 307 7.37 -20.31 4.94
CA LEU B 307 7.86 -20.43 6.34
C LEU B 307 8.75 -21.67 6.48
N LYS B 308 8.56 -22.71 5.65
CA LYS B 308 9.39 -23.95 5.63
C LYS B 308 10.87 -23.59 5.89
N GLN B 309 11.39 -22.61 5.16
CA GLN B 309 12.79 -22.13 5.29
C GLN B 309 12.78 -20.78 6.03
N LYS B 310 12.66 -20.84 7.36
CA LYS B 310 12.74 -19.70 8.31
C LYS B 310 13.35 -20.22 9.61
N VAL B 311 14.21 -19.41 10.24
CA VAL B 311 14.95 -19.80 11.47
C VAL B 311 13.96 -19.91 12.64
N GLU B 312 13.90 -21.09 13.27
CA GLU B 312 13.13 -21.35 14.51
C GLU B 312 13.56 -20.36 15.59
N LEU B 313 12.59 -19.79 16.31
CA LEU B 313 12.89 -18.91 17.47
C LEU B 313 13.43 -19.79 18.60
N ALA B 314 14.27 -19.24 19.48
CA ALA B 314 14.84 -19.98 20.63
C ALA B 314 13.74 -20.26 21.66
N ASN B 315 12.91 -19.27 21.98
CA ASN B 315 11.92 -19.37 23.07
C ASN B 315 10.65 -18.64 22.69
N PRO B 316 9.85 -19.19 21.74
CA PRO B 316 8.65 -18.50 21.27
C PRO B 316 7.58 -18.39 22.38
N LYS B 317 7.59 -19.30 23.36
CA LYS B 317 6.61 -19.26 24.47
C LYS B 317 7.04 -18.29 25.58
N ALA B 318 8.16 -17.56 25.41
CA ALA B 318 8.69 -16.61 26.42
C ALA B 318 8.00 -15.25 26.30
N VAL B 319 6.69 -15.26 26.23
CA VAL B 319 5.83 -14.07 25.91
C VAL B 319 5.19 -13.57 27.22
#